data_1KYD
#
_entry.id   1KYD
#
_cell.length_a   40.780
_cell.length_b   71.880
_cell.length_c   41.670
_cell.angle_alpha   90.00
_cell.angle_beta   99.97
_cell.angle_gamma   90.00
#
_symmetry.space_group_name_H-M   'P 1 21 1'
#
loop_
_entity.id
_entity.type
_entity.pdbx_description
1 polymer 'ALPHA-ADAPTIN C'
2 polymer 'EH domain-binding mitotic phosphoprotein'
3 non-polymer 'SULFATE ION'
4 water water
#
loop_
_entity_poly.entity_id
_entity_poly.type
_entity_poly.pdbx_seq_one_letter_code
_entity_poly.pdbx_strand_id
1 'polypeptide(L)'
;GSPGIRLGSSEDNFARFVCKNNGVLFENQLLQIGLKSEFRQNLGRMFIFYGNKTSTQFLNFTPTLICADDLQTNLNLQTK
PVDPTVDGGAQVQQVVNIECISDFTEAPVLNIQFRYGGTFQNVSVKLPITLNKFFQPTEMASQDFFQRWKQLSNPQQEVQ
NIFKAKHPMDTEITKAKIIGFGSALLEEVDPNPANFVGAGIIHTKTTQIGCLLRLEPNLQAQMYRLTLRTSKDTVSQRLC
ELLSEQF
;
A
2 'polypeptide(L)' GSDPWK P
#
# COMPACT_ATOMS: atom_id res chain seq x y z
N GLY A 1 -9.54 10.74 4.85
CA GLY A 1 -8.30 11.51 5.19
C GLY A 1 -8.56 13.00 5.35
N SER A 2 -7.49 13.79 5.21
CA SER A 2 -7.57 15.24 5.36
C SER A 2 -8.54 15.91 4.39
N PRO A 3 -9.20 16.99 4.84
CA PRO A 3 -10.13 17.68 3.94
C PRO A 3 -9.33 18.60 3.02
N GLY A 4 -9.98 19.13 2.01
CA GLY A 4 -9.28 20.03 1.10
C GLY A 4 -8.71 19.38 -0.14
N ILE A 5 -8.48 20.20 -1.16
CA ILE A 5 -7.96 19.73 -2.44
C ILE A 5 -6.61 19.03 -2.29
N ARG A 6 -6.54 17.79 -2.77
CA ARG A 6 -5.31 17.03 -2.71
C ARG A 6 -4.51 17.24 -4.02
N LEU A 7 -3.92 18.42 -4.15
CA LEU A 7 -3.09 18.77 -5.28
C LEU A 7 -2.05 19.65 -4.60
N GLY A 8 -0.78 19.23 -4.67
CA GLY A 8 0.28 19.97 -3.99
C GLY A 8 0.24 19.60 -2.50
N SER A 9 -0.40 18.48 -2.19
CA SER A 9 -0.52 18.02 -0.79
C SER A 9 0.57 16.97 -0.60
N SER A 10 0.72 16.48 0.63
CA SER A 10 1.74 15.47 0.94
C SER A 10 1.37 14.06 0.45
N GLU A 11 0.20 13.92 -0.16
CA GLU A 11 -0.25 12.60 -0.61
C GLU A 11 -0.94 12.55 -1.95
N ASP A 12 -0.58 13.47 -2.85
CA ASP A 12 -1.17 13.52 -4.18
C ASP A 12 -1.18 12.15 -4.88
N ASN A 13 -0.06 11.46 -4.81
CA ASN A 13 0.08 10.19 -5.51
C ASN A 13 0.10 8.91 -4.67
N PHE A 14 -0.09 9.04 -3.35
CA PHE A 14 -0.04 7.92 -2.43
C PHE A 14 -0.80 6.65 -2.85
N ALA A 15 -2.07 6.83 -3.22
CA ALA A 15 -2.95 5.74 -3.61
C ALA A 15 -2.48 4.92 -4.81
N ARG A 16 -1.60 5.49 -5.64
CA ARG A 16 -1.07 4.81 -6.82
C ARG A 16 0.01 3.79 -6.44
N PHE A 17 0.40 3.78 -5.17
CA PHE A 17 1.44 2.85 -4.76
C PHE A 17 1.02 1.79 -3.79
N VAL A 18 -0.26 1.50 -3.74
CA VAL A 18 -0.81 0.50 -2.85
C VAL A 18 -0.73 -0.87 -3.54
N CYS A 19 -1.10 -0.91 -4.83
CA CYS A 19 -1.09 -2.16 -5.60
C CYS A 19 0.04 -2.34 -6.56
N LYS A 20 1.05 -1.45 -6.49
CA LYS A 20 2.26 -1.57 -7.32
C LYS A 20 3.35 -0.92 -6.49
N ASN A 21 4.58 -1.29 -6.77
CA ASN A 21 5.72 -0.77 -6.01
C ASN A 21 6.58 0.26 -6.72
N ASN A 22 6.47 0.33 -8.03
CA ASN A 22 7.32 1.24 -8.80
C ASN A 22 6.65 2.48 -9.42
N GLY A 23 7.38 3.59 -9.44
CA GLY A 23 6.83 4.80 -10.03
C GLY A 23 7.26 6.12 -9.43
N VAL A 24 6.65 7.19 -9.93
CA VAL A 24 6.97 8.53 -9.45
C VAL A 24 6.01 8.96 -8.35
N LEU A 25 6.53 9.05 -7.13
CA LEU A 25 5.69 9.46 -6.02
C LEU A 25 5.40 10.96 -6.02
N PHE A 26 6.42 11.76 -6.31
CA PHE A 26 6.28 13.21 -6.24
C PHE A 26 7.21 13.92 -7.21
N GLU A 27 6.77 15.06 -7.71
CA GLU A 27 7.60 15.85 -8.61
C GLU A 27 7.18 17.31 -8.63
N ASN A 28 8.08 18.21 -8.26
CA ASN A 28 7.74 19.63 -8.35
C ASN A 28 8.65 20.10 -9.47
N GLN A 29 9.03 21.37 -9.50
CA GLN A 29 9.87 21.83 -10.61
C GLN A 29 11.40 21.71 -10.42
N LEU A 30 11.82 21.26 -9.24
CA LEU A 30 13.25 21.09 -8.97
C LEU A 30 13.64 19.61 -8.80
N LEU A 31 12.71 18.86 -8.21
CA LEU A 31 12.95 17.46 -7.83
C LEU A 31 11.87 16.47 -8.18
N GLN A 32 12.31 15.29 -8.58
CA GLN A 32 11.42 14.18 -8.89
C GLN A 32 11.80 13.08 -7.92
N ILE A 33 10.80 12.56 -7.21
CA ILE A 33 11.04 11.48 -6.26
C ILE A 33 10.41 10.22 -6.79
N GLY A 34 11.23 9.21 -7.05
CA GLY A 34 10.70 7.96 -7.54
C GLY A 34 10.87 6.87 -6.49
N LEU A 35 10.18 5.76 -6.70
CA LEU A 35 10.22 4.62 -5.80
C LEU A 35 10.35 3.28 -6.54
N LYS A 36 11.00 2.33 -5.87
CA LYS A 36 11.12 0.95 -6.33
C LYS A 36 11.18 0.18 -5.02
N SER A 37 10.28 -0.77 -4.82
CA SER A 37 10.25 -1.54 -3.58
C SER A 37 10.06 -3.02 -3.82
N GLU A 38 10.50 -3.82 -2.85
CA GLU A 38 10.39 -5.28 -2.88
C GLU A 38 10.10 -5.74 -1.47
N PHE A 39 9.23 -6.74 -1.34
CA PHE A 39 8.85 -7.22 -0.02
C PHE A 39 8.89 -8.73 0.10
N ARG A 40 9.18 -9.21 1.31
CA ARG A 40 9.20 -10.62 1.58
C ARG A 40 9.00 -10.84 3.07
N GLN A 41 8.06 -11.70 3.43
CA GLN A 41 7.72 -11.98 4.81
C GLN A 41 7.28 -10.66 5.45
N ASN A 42 7.81 -10.32 6.64
CA ASN A 42 7.43 -9.09 7.30
C ASN A 42 8.44 -7.99 6.98
N LEU A 43 9.25 -8.21 5.94
CA LEU A 43 10.27 -7.24 5.60
C LEU A 43 10.16 -6.64 4.21
N GLY A 44 10.85 -5.52 4.01
CA GLY A 44 10.85 -4.92 2.70
C GLY A 44 12.08 -4.05 2.54
N ARG A 45 12.29 -3.66 1.29
CA ARG A 45 13.37 -2.77 0.93
C ARG A 45 12.78 -1.80 -0.09
N MET A 46 12.88 -0.52 0.20
CA MET A 46 12.35 0.50 -0.67
C MET A 46 13.45 1.42 -1.15
N PHE A 47 13.65 1.49 -2.46
CA PHE A 47 14.64 2.39 -3.01
C PHE A 47 13.94 3.71 -3.28
N ILE A 48 14.54 4.81 -2.82
CA ILE A 48 13.98 6.14 -3.04
C ILE A 48 14.96 6.91 -3.91
N PHE A 49 14.49 7.38 -5.06
CA PHE A 49 15.33 8.09 -6.00
C PHE A 49 15.04 9.58 -6.02
N TYR A 50 16.09 10.37 -5.84
CA TYR A 50 15.96 11.83 -5.83
C TYR A 50 16.58 12.40 -7.10
N GLY A 51 15.73 12.78 -8.05
CA GLY A 51 16.23 13.33 -9.30
C GLY A 51 16.27 14.85 -9.34
N ASN A 52 17.46 15.41 -9.58
CA ASN A 52 17.67 16.86 -9.66
C ASN A 52 17.34 17.28 -11.10
N LYS A 53 16.17 17.90 -11.27
CA LYS A 53 15.67 18.33 -12.58
C LYS A 53 16.27 19.65 -13.09
N THR A 54 17.14 20.28 -12.31
CA THR A 54 17.73 21.57 -12.70
C THR A 54 19.15 21.41 -13.22
N SER A 55 19.77 22.52 -13.60
CA SER A 55 21.15 22.49 -14.06
C SER A 55 22.06 22.93 -12.91
N THR A 56 21.48 23.07 -11.71
CA THR A 56 22.21 23.51 -10.52
C THR A 56 22.29 22.45 -9.43
N GLN A 57 23.48 22.30 -8.87
CA GLN A 57 23.74 21.33 -7.84
C GLN A 57 22.99 21.66 -6.54
N PHE A 58 22.35 20.67 -5.91
CA PHE A 58 21.65 20.92 -4.63
C PHE A 58 22.67 20.72 -3.51
N LEU A 59 22.49 21.40 -2.38
CA LEU A 59 23.42 21.27 -1.24
C LEU A 59 22.67 20.90 0.03
N ASN A 60 23.37 20.21 0.93
CA ASN A 60 22.84 19.77 2.22
C ASN A 60 21.53 19.02 1.99
N PHE A 61 21.51 18.21 0.93
CA PHE A 61 20.33 17.46 0.58
C PHE A 61 20.07 16.42 1.70
N THR A 62 19.06 16.67 2.50
CA THR A 62 18.76 15.81 3.64
C THR A 62 17.35 15.23 3.73
N PRO A 63 17.22 13.94 3.38
CA PRO A 63 15.89 13.31 3.45
C PRO A 63 15.80 12.54 4.76
N THR A 64 14.71 12.69 5.50
CA THR A 64 14.58 11.96 6.77
C THR A 64 13.22 11.26 6.90
N LEU A 65 13.22 10.04 7.42
CA LEU A 65 11.96 9.31 7.58
C LEU A 65 11.37 9.54 8.96
N ILE A 66 10.08 9.84 9.03
CA ILE A 66 9.42 10.07 10.31
C ILE A 66 8.16 9.19 10.41
N CYS A 67 8.08 8.40 11.47
CA CYS A 67 6.93 7.52 11.73
C CYS A 67 6.18 8.05 12.96
N ALA A 68 5.00 8.62 12.74
CA ALA A 68 4.19 9.19 13.81
C ALA A 68 3.65 8.12 14.75
N ASP A 69 3.69 8.47 16.03
CA ASP A 69 3.29 7.64 17.17
C ASP A 69 3.15 6.12 17.09
N ASP A 70 1.93 5.59 16.97
CA ASP A 70 1.78 4.13 16.93
C ASP A 70 2.71 3.49 15.92
N LEU A 71 2.93 4.20 14.83
CA LEU A 71 3.79 3.74 13.75
C LEU A 71 5.21 3.55 14.27
N GLN A 72 5.58 4.33 15.28
CA GLN A 72 6.91 4.24 15.86
C GLN A 72 7.21 2.86 16.40
N THR A 73 6.16 2.10 16.69
CA THR A 73 6.33 0.76 17.20
C THR A 73 5.98 -0.30 16.17
N ASN A 74 4.92 -0.07 15.41
CA ASN A 74 4.48 -1.04 14.41
C ASN A 74 5.42 -1.23 13.23
N LEU A 75 6.19 -0.20 12.92
CA LEU A 75 7.11 -0.24 11.79
C LEU A 75 8.53 0.19 12.20
N ASN A 76 9.56 -0.53 11.75
CA ASN A 76 10.91 -0.09 12.02
C ASN A 76 11.62 0.09 10.69
N LEU A 77 12.12 1.30 10.46
CA LEU A 77 12.80 1.64 9.23
C LEU A 77 14.26 1.95 9.52
N GLN A 78 15.14 1.38 8.71
CA GLN A 78 16.57 1.63 8.85
C GLN A 78 17.10 2.05 7.49
N THR A 79 17.92 3.10 7.46
CA THR A 79 18.46 3.56 6.20
C THR A 79 19.82 4.25 6.40
N LYS A 80 20.58 4.37 5.32
CA LYS A 80 21.89 5.03 5.33
C LYS A 80 21.74 6.47 4.86
N PRO A 81 22.56 7.39 5.39
CA PRO A 81 22.42 8.78 4.94
C PRO A 81 22.85 8.88 3.49
N VAL A 82 22.31 9.86 2.78
CA VAL A 82 22.62 10.03 1.36
C VAL A 82 23.58 11.19 1.17
N ASP A 83 24.32 11.18 0.05
CA ASP A 83 25.28 12.25 -0.24
C ASP A 83 24.48 13.56 -0.27
N PRO A 84 24.84 14.53 0.57
CA PRO A 84 24.15 15.82 0.64
C PRO A 84 24.32 16.73 -0.58
N THR A 85 25.24 16.39 -1.47
CA THR A 85 25.45 17.21 -2.67
C THR A 85 24.91 16.44 -3.87
N VAL A 86 23.98 17.06 -4.59
CA VAL A 86 23.33 16.42 -5.73
C VAL A 86 23.45 17.27 -7.00
N ASP A 87 24.31 16.84 -7.93
CA ASP A 87 24.54 17.56 -9.17
C ASP A 87 23.26 17.80 -9.96
N GLY A 88 23.27 18.87 -10.76
CA GLY A 88 22.09 19.16 -11.58
C GLY A 88 21.93 18.01 -12.55
N GLY A 89 20.70 17.58 -12.79
CA GLY A 89 20.47 16.49 -13.74
C GLY A 89 20.92 15.13 -13.24
N ALA A 90 21.42 15.07 -12.01
CA ALA A 90 21.87 13.81 -11.45
C ALA A 90 20.80 13.24 -10.53
N GLN A 91 21.07 12.03 -10.03
CA GLN A 91 20.14 11.36 -9.15
C GLN A 91 20.86 10.68 -7.99
N VAL A 92 20.35 10.85 -6.77
CA VAL A 92 20.95 10.16 -5.64
C VAL A 92 19.88 9.17 -5.18
N GLN A 93 20.33 8.08 -4.58
CA GLN A 93 19.44 7.04 -4.11
C GLN A 93 19.56 6.80 -2.61
N GLN A 94 18.47 6.34 -2.03
CA GLN A 94 18.38 6.01 -0.62
C GLN A 94 17.67 4.68 -0.49
N VAL A 95 18.30 3.73 0.18
CA VAL A 95 17.68 2.42 0.40
C VAL A 95 17.15 2.38 1.81
N VAL A 96 15.87 2.07 1.95
CA VAL A 96 15.26 1.98 3.25
C VAL A 96 14.92 0.52 3.53
N ASN A 97 15.49 -0.02 4.62
CA ASN A 97 15.20 -1.38 5.03
C ASN A 97 14.00 -1.35 5.98
N ILE A 98 12.94 -2.05 5.61
CA ILE A 98 11.68 -2.06 6.36
C ILE A 98 11.38 -3.33 7.15
N GLU A 99 10.95 -3.16 8.41
CA GLU A 99 10.54 -4.29 9.24
C GLU A 99 9.15 -4.00 9.83
N CYS A 100 8.17 -4.85 9.53
CA CYS A 100 6.83 -4.69 10.09
C CYS A 100 6.80 -5.47 11.39
N ILE A 101 6.45 -4.75 12.47
CA ILE A 101 6.36 -5.27 13.83
C ILE A 101 4.99 -5.80 14.12
N SER A 102 3.97 -4.99 13.80
CA SER A 102 2.57 -5.43 14.00
C SER A 102 1.75 -4.73 12.90
N ASP A 103 0.46 -5.03 12.77
CA ASP A 103 -0.36 -4.39 11.73
C ASP A 103 -0.49 -2.88 12.01
N PHE A 104 -0.53 -2.08 10.95
CA PHE A 104 -0.56 -0.63 11.09
C PHE A 104 -1.44 0.06 10.05
N THR A 105 -1.84 1.28 10.36
CA THR A 105 -2.71 2.06 9.47
C THR A 105 -2.00 3.29 8.93
N GLU A 106 -1.26 3.99 9.78
CA GLU A 106 -0.58 5.21 9.36
C GLU A 106 0.54 4.96 8.35
N ALA A 107 1.01 6.05 7.74
CA ALA A 107 2.11 5.97 6.79
C ALA A 107 3.27 6.83 7.26
N PRO A 108 4.51 6.41 6.97
CA PRO A 108 5.66 7.22 7.39
C PRO A 108 5.64 8.52 6.59
N VAL A 109 6.33 9.55 7.08
CA VAL A 109 6.39 10.79 6.34
C VAL A 109 7.83 10.96 5.88
N LEU A 110 8.03 11.35 4.64
CA LEU A 110 9.35 11.57 4.13
C LEU A 110 9.53 13.08 4.04
N ASN A 111 10.50 13.58 4.80
CA ASN A 111 10.76 15.00 4.78
C ASN A 111 12.09 15.24 4.10
N ILE A 112 12.09 16.13 3.11
CA ILE A 112 13.30 16.44 2.37
C ILE A 112 13.65 17.92 2.48
N GLN A 113 14.87 18.22 2.91
CA GLN A 113 15.28 19.60 3.00
C GLN A 113 16.60 19.72 2.24
N PHE A 114 16.76 20.83 1.52
CA PHE A 114 17.98 21.09 0.77
C PHE A 114 18.06 22.56 0.36
N ARG A 115 19.24 22.95 -0.13
CA ARG A 115 19.47 24.32 -0.57
C ARG A 115 19.57 24.28 -2.08
N TYR A 116 19.00 25.29 -2.72
CA TYR A 116 19.06 25.42 -4.17
C TYR A 116 19.12 26.90 -4.46
N GLY A 117 20.23 27.33 -5.08
CA GLY A 117 20.39 28.73 -5.39
C GLY A 117 20.34 29.60 -4.15
N GLY A 118 20.85 29.07 -3.03
CA GLY A 118 20.84 29.84 -1.80
C GLY A 118 19.50 29.91 -1.08
N THR A 119 18.50 29.16 -1.53
CA THR A 119 17.23 29.20 -0.83
C THR A 119 16.96 27.88 -0.12
N PHE A 120 16.12 27.92 0.90
CA PHE A 120 15.70 26.75 1.65
C PHE A 120 14.56 26.07 0.88
N GLN A 121 14.69 24.79 0.60
CA GLN A 121 13.65 24.04 -0.09
C GLN A 121 13.26 22.97 0.91
N ASN A 122 11.96 22.81 1.11
CA ASN A 122 11.41 21.87 2.08
C ASN A 122 10.22 21.13 1.47
N VAL A 123 10.31 19.80 1.43
CA VAL A 123 9.27 18.93 0.87
C VAL A 123 8.90 17.84 1.88
N SER A 124 7.61 17.56 1.98
CA SER A 124 7.13 16.54 2.88
C SER A 124 6.07 15.71 2.12
N VAL A 125 6.27 14.40 2.03
CA VAL A 125 5.32 13.53 1.31
C VAL A 125 5.12 12.22 2.06
N LYS A 126 3.90 11.69 2.02
CA LYS A 126 3.63 10.42 2.71
C LYS A 126 4.25 9.29 1.92
N LEU A 127 4.95 8.40 2.62
CA LEU A 127 5.60 7.25 1.97
C LEU A 127 4.63 6.07 1.90
N PRO A 128 4.49 5.47 0.70
CA PRO A 128 3.57 4.34 0.52
C PRO A 128 3.96 2.97 1.04
N ILE A 129 4.13 2.86 2.34
CA ILE A 129 4.39 1.55 2.93
C ILE A 129 3.05 1.26 3.58
N THR A 130 2.36 0.24 3.06
CA THR A 130 1.04 -0.14 3.54
C THR A 130 1.01 -1.60 3.99
N LEU A 131 0.01 -1.92 4.81
CA LEU A 131 -0.13 -3.23 5.40
C LEU A 131 -0.13 -4.40 4.40
N ASN A 132 -0.80 -4.23 3.27
CA ASN A 132 -0.89 -5.27 2.25
C ASN A 132 0.46 -5.63 1.61
N LYS A 133 1.46 -4.76 1.78
CA LYS A 133 2.79 -5.03 1.23
C LYS A 133 3.43 -6.26 1.88
N PHE A 134 2.90 -6.70 3.02
CA PHE A 134 3.48 -7.85 3.72
C PHE A 134 2.69 -9.14 3.53
N PHE A 135 2.01 -9.23 2.38
CA PHE A 135 1.21 -10.39 2.03
C PHE A 135 2.02 -11.57 1.49
N GLN A 136 1.59 -12.78 1.87
CA GLN A 136 2.12 -14.01 1.33
C GLN A 136 0.86 -14.56 0.68
N PRO A 137 0.84 -14.65 -0.65
CA PRO A 137 -0.36 -15.17 -1.29
C PRO A 137 -0.47 -16.66 -0.98
N THR A 138 -1.68 -17.12 -0.71
CA THR A 138 -1.85 -18.52 -0.38
C THR A 138 -2.90 -19.13 -1.30
N GLU A 139 -2.42 -19.94 -2.22
CA GLU A 139 -3.28 -20.64 -3.17
C GLU A 139 -3.93 -21.82 -2.45
N MET A 140 -5.19 -22.13 -2.79
CA MET A 140 -5.87 -23.26 -2.17
C MET A 140 -7.11 -23.60 -3.00
N ALA A 141 -7.56 -24.85 -2.89
CA ALA A 141 -8.75 -25.29 -3.59
C ALA A 141 -9.98 -24.69 -2.92
N SER A 142 -11.05 -24.59 -3.68
CA SER A 142 -12.28 -24.00 -3.17
C SER A 142 -12.82 -24.60 -1.87
N GLN A 143 -12.75 -25.92 -1.71
CA GLN A 143 -13.29 -26.51 -0.47
C GLN A 143 -12.48 -26.06 0.73
N ASP A 144 -11.17 -25.93 0.53
CA ASP A 144 -10.32 -25.50 1.62
C ASP A 144 -10.62 -24.06 1.95
N PHE A 145 -10.89 -23.26 0.92
CA PHE A 145 -11.21 -21.85 1.11
C PHE A 145 -12.50 -21.68 1.92
N PHE A 146 -13.54 -22.41 1.54
CA PHE A 146 -14.79 -22.25 2.26
C PHE A 146 -14.69 -22.74 3.71
N GLN A 147 -13.87 -23.76 3.92
CA GLN A 147 -13.63 -24.33 5.24
C GLN A 147 -13.06 -23.22 6.12
N ARG A 148 -12.07 -22.50 5.58
CA ARG A 148 -11.48 -21.41 6.34
C ARG A 148 -12.45 -20.22 6.48
N TRP A 149 -13.21 -19.97 5.43
CA TRP A 149 -14.14 -18.85 5.47
C TRP A 149 -15.12 -18.98 6.61
N LYS A 150 -15.56 -20.22 6.85
CA LYS A 150 -16.55 -20.48 7.89
C LYS A 150 -16.01 -20.76 9.28
N GLN A 151 -14.71 -20.54 9.47
CA GLN A 151 -14.09 -20.73 10.77
C GLN A 151 -14.04 -19.41 11.53
N LEU A 152 -14.57 -18.35 10.91
CA LEU A 152 -14.60 -17.03 11.53
C LEU A 152 -15.74 -17.00 12.56
N SER A 153 -15.44 -16.62 13.79
CA SER A 153 -16.47 -16.56 14.83
C SER A 153 -16.66 -15.14 15.40
N ASN A 154 -15.55 -14.45 15.60
CA ASN A 154 -15.55 -13.09 16.13
C ASN A 154 -16.15 -12.14 15.06
N PRO A 155 -17.31 -11.52 15.33
CA PRO A 155 -17.90 -10.62 14.32
C PRO A 155 -17.01 -9.43 13.94
N GLN A 156 -16.15 -9.02 14.85
CA GLN A 156 -15.23 -7.89 14.60
C GLN A 156 -14.23 -8.28 13.52
N GLN A 157 -14.07 -9.58 13.29
CA GLN A 157 -13.11 -10.01 12.28
C GLN A 157 -13.65 -9.97 10.85
N GLU A 158 -14.94 -9.68 10.70
CA GLU A 158 -15.53 -9.55 9.35
C GLU A 158 -15.85 -8.08 9.07
N VAL A 159 -15.32 -7.53 7.98
CA VAL A 159 -15.58 -6.14 7.65
C VAL A 159 -16.08 -6.05 6.21
N GLN A 160 -17.28 -5.48 6.03
CA GLN A 160 -17.89 -5.31 4.73
C GLN A 160 -18.02 -3.85 4.32
N ASN A 161 -17.92 -3.59 3.02
CA ASN A 161 -18.03 -2.23 2.50
C ASN A 161 -18.71 -2.32 1.13
N ILE A 162 -19.81 -1.59 0.98
CA ILE A 162 -20.53 -1.52 -0.28
C ILE A 162 -20.30 -0.07 -0.67
N PHE A 163 -19.58 0.12 -1.77
CA PHE A 163 -19.18 1.45 -2.21
C PHE A 163 -19.25 1.65 -3.73
N LYS A 164 -19.26 2.91 -4.15
CA LYS A 164 -19.32 3.30 -5.55
C LYS A 164 -17.98 3.16 -6.26
N ALA A 165 -18.01 2.55 -7.45
CA ALA A 165 -16.78 2.39 -8.19
C ALA A 165 -16.20 3.77 -8.44
N LYS A 166 -14.91 3.93 -8.18
CA LYS A 166 -14.25 5.23 -8.40
C LYS A 166 -13.48 5.19 -9.71
N HIS A 167 -13.46 4.02 -10.34
CA HIS A 167 -12.77 3.84 -11.63
C HIS A 167 -13.55 2.84 -12.48
N PRO A 168 -13.36 2.89 -13.81
CA PRO A 168 -14.06 1.96 -14.70
C PRO A 168 -13.90 0.55 -14.12
N MET A 169 -14.97 -0.24 -14.16
CA MET A 169 -14.96 -1.60 -13.61
C MET A 169 -14.48 -2.63 -14.64
N ASP A 170 -13.21 -2.49 -15.04
CA ASP A 170 -12.55 -3.34 -16.02
C ASP A 170 -12.00 -4.64 -15.43
N THR A 171 -12.50 -5.77 -15.93
CA THR A 171 -12.08 -7.08 -15.46
C THR A 171 -10.57 -7.34 -15.33
N GLU A 172 -9.84 -7.12 -16.40
CA GLU A 172 -8.40 -7.37 -16.35
C GLU A 172 -7.66 -6.45 -15.39
N ILE A 173 -8.03 -5.17 -15.35
CA ILE A 173 -7.37 -4.25 -14.44
C ILE A 173 -7.70 -4.69 -13.01
N THR A 174 -8.95 -5.10 -12.78
CA THR A 174 -9.35 -5.55 -11.47
C THR A 174 -8.45 -6.70 -11.03
N LYS A 175 -8.28 -7.69 -11.89
CA LYS A 175 -7.41 -8.82 -11.58
C LYS A 175 -5.99 -8.38 -11.21
N ALA A 176 -5.44 -7.46 -12.01
CA ALA A 176 -4.09 -6.98 -11.79
C ALA A 176 -3.98 -6.20 -10.48
N LYS A 177 -5.08 -5.57 -10.06
CA LYS A 177 -5.08 -4.80 -8.82
C LYS A 177 -5.07 -5.72 -7.61
N ILE A 178 -5.90 -6.78 -7.64
CA ILE A 178 -5.93 -7.73 -6.54
C ILE A 178 -4.58 -8.43 -6.38
N ILE A 179 -4.00 -8.85 -7.49
CA ILE A 179 -2.71 -9.53 -7.49
C ILE A 179 -1.64 -8.57 -6.95
N GLY A 180 -1.64 -7.35 -7.46
CA GLY A 180 -0.68 -6.36 -6.99
C GLY A 180 -0.94 -6.04 -5.52
N PHE A 181 -2.20 -6.10 -5.09
CA PHE A 181 -2.54 -5.85 -3.68
C PHE A 181 -1.80 -6.86 -2.79
N GLY A 182 -1.62 -8.10 -3.26
CA GLY A 182 -0.86 -9.04 -2.45
C GLY A 182 -1.38 -10.45 -2.21
N SER A 183 -2.69 -10.62 -2.10
CA SER A 183 -3.19 -11.95 -1.87
C SER A 183 -3.14 -12.74 -3.19
N ALA A 184 -3.42 -14.04 -3.08
CA ALA A 184 -3.49 -14.92 -4.24
C ALA A 184 -4.87 -14.58 -4.84
N LEU A 185 -4.99 -14.70 -6.15
CA LEU A 185 -6.24 -14.42 -6.81
C LEU A 185 -6.89 -15.77 -7.09
N LEU A 186 -8.04 -16.04 -6.48
CA LEU A 186 -8.64 -17.35 -6.67
C LEU A 186 -9.95 -17.38 -7.47
N GLU A 187 -9.86 -17.87 -8.72
CA GLU A 187 -11.05 -18.02 -9.54
C GLU A 187 -11.43 -19.45 -9.17
N GLU A 188 -12.62 -19.89 -9.52
CA GLU A 188 -13.03 -21.26 -9.18
C GLU A 188 -13.45 -21.42 -7.71
N VAL A 189 -13.62 -20.32 -6.99
CA VAL A 189 -14.07 -20.41 -5.61
C VAL A 189 -15.51 -19.88 -5.52
N ASP A 190 -15.74 -18.62 -5.88
CA ASP A 190 -17.11 -18.10 -5.85
C ASP A 190 -17.87 -18.74 -7.05
N PRO A 191 -19.03 -19.39 -6.80
CA PRO A 191 -19.75 -19.99 -7.93
C PRO A 191 -20.01 -18.97 -9.06
N ASN A 192 -20.20 -17.70 -8.70
CA ASN A 192 -20.40 -16.63 -9.69
C ASN A 192 -19.00 -16.29 -10.20
N PRO A 193 -18.72 -16.59 -11.48
CA PRO A 193 -17.39 -16.33 -12.03
C PRO A 193 -17.00 -14.87 -12.24
N ALA A 194 -17.97 -13.96 -12.15
CA ALA A 194 -17.67 -12.54 -12.37
C ALA A 194 -17.11 -11.93 -11.06
N ASN A 195 -17.24 -12.66 -9.97
CA ASN A 195 -16.75 -12.16 -8.69
C ASN A 195 -15.27 -12.50 -8.52
N PHE A 196 -14.64 -11.92 -7.50
CA PHE A 196 -13.23 -12.17 -7.25
C PHE A 196 -13.04 -12.61 -5.80
N VAL A 197 -12.13 -13.56 -5.62
CA VAL A 197 -11.81 -14.10 -4.31
C VAL A 197 -10.28 -14.05 -4.09
N GLY A 198 -9.89 -13.66 -2.88
CA GLY A 198 -8.48 -13.58 -2.55
C GLY A 198 -8.20 -14.26 -1.21
N ALA A 199 -6.96 -14.70 -1.04
CA ALA A 199 -6.52 -15.33 0.20
C ALA A 199 -5.01 -15.11 0.34
N GLY A 200 -4.60 -14.84 1.58
CA GLY A 200 -3.18 -14.65 1.85
C GLY A 200 -2.93 -14.49 3.33
N ILE A 201 -1.68 -14.44 3.73
CA ILE A 201 -1.35 -14.24 5.13
C ILE A 201 -0.59 -12.93 5.24
N ILE A 202 -0.99 -12.06 6.18
CA ILE A 202 -0.29 -10.81 6.39
C ILE A 202 0.81 -11.15 7.43
N HIS A 203 2.07 -10.87 7.08
CA HIS A 203 3.19 -11.17 7.96
C HIS A 203 3.78 -10.01 8.76
N THR A 204 3.88 -10.19 10.08
CA THR A 204 4.49 -9.20 10.95
C THR A 204 5.32 -9.96 11.99
N LYS A 205 6.27 -9.28 12.61
CA LYS A 205 7.14 -9.92 13.61
C LYS A 205 6.38 -10.63 14.74
N THR A 206 5.37 -9.98 15.27
CA THR A 206 4.61 -10.51 16.40
C THR A 206 3.33 -11.31 16.13
N THR A 207 2.84 -11.33 14.90
CA THR A 207 1.64 -12.10 14.57
C THR A 207 1.48 -12.34 13.08
N GLN A 208 0.95 -13.50 12.74
CA GLN A 208 0.72 -13.86 11.33
C GLN A 208 -0.80 -13.87 11.18
N ILE A 209 -1.31 -13.04 10.28
CA ILE A 209 -2.75 -12.93 10.10
C ILE A 209 -3.27 -13.56 8.82
N GLY A 210 -4.16 -14.54 8.96
CA GLY A 210 -4.74 -15.21 7.80
C GLY A 210 -5.85 -14.32 7.28
N CYS A 211 -5.85 -14.10 5.97
CA CYS A 211 -6.81 -13.20 5.35
C CYS A 211 -7.52 -13.79 4.14
N LEU A 212 -8.82 -13.55 4.12
CA LEU A 212 -9.69 -14.01 3.04
C LEU A 212 -10.51 -12.81 2.58
N LEU A 213 -10.80 -12.73 1.28
CA LEU A 213 -11.57 -11.63 0.76
C LEU A 213 -12.44 -12.01 -0.44
N ARG A 214 -13.57 -11.32 -0.55
CA ARG A 214 -14.51 -11.53 -1.64
C ARG A 214 -14.90 -10.16 -2.16
N LEU A 215 -14.82 -9.99 -3.47
CA LEU A 215 -15.19 -8.73 -4.12
C LEU A 215 -16.27 -9.04 -5.14
N GLU A 216 -17.42 -8.41 -4.94
CA GLU A 216 -18.58 -8.62 -5.81
C GLU A 216 -18.91 -7.32 -6.53
N PRO A 217 -18.61 -7.26 -7.85
CA PRO A 217 -18.91 -6.06 -8.61
C PRO A 217 -20.36 -6.05 -9.04
N ASN A 218 -20.94 -4.87 -9.15
CA ASN A 218 -22.30 -4.72 -9.66
C ASN A 218 -22.10 -3.71 -10.78
N LEU A 219 -21.86 -4.19 -11.99
CA LEU A 219 -21.60 -3.35 -13.16
C LEU A 219 -22.71 -2.34 -13.49
N GLN A 220 -23.97 -2.76 -13.36
CA GLN A 220 -25.08 -1.86 -13.66
C GLN A 220 -25.12 -0.71 -12.67
N ALA A 221 -25.02 -1.00 -11.38
CA ALA A 221 -25.07 0.04 -10.37
C ALA A 221 -23.75 0.80 -10.17
N GLN A 222 -22.69 0.31 -10.80
CA GLN A 222 -21.38 0.93 -10.66
C GLN A 222 -20.93 0.82 -9.20
N MET A 223 -21.15 -0.35 -8.62
CA MET A 223 -20.80 -0.57 -7.23
C MET A 223 -20.12 -1.87 -6.92
N TYR A 224 -19.52 -1.94 -5.73
CA TYR A 224 -18.86 -3.15 -5.29
C TYR A 224 -19.24 -3.50 -3.87
N ARG A 225 -19.30 -4.81 -3.60
CA ARG A 225 -19.50 -5.29 -2.25
C ARG A 225 -18.20 -6.04 -1.92
N LEU A 226 -17.45 -5.55 -0.95
CA LEU A 226 -16.19 -6.15 -0.54
C LEU A 226 -16.30 -6.66 0.88
N THR A 227 -15.89 -7.91 1.08
CA THR A 227 -15.93 -8.53 2.38
C THR A 227 -14.55 -9.06 2.79
N LEU A 228 -14.08 -8.60 3.95
CA LEU A 228 -12.82 -9.06 4.49
C LEU A 228 -13.08 -9.95 5.70
N ARG A 229 -12.43 -11.10 5.74
CA ARG A 229 -12.54 -12.02 6.86
C ARG A 229 -11.09 -12.37 7.18
N THR A 230 -10.62 -11.97 8.35
CA THR A 230 -9.25 -12.23 8.75
C THR A 230 -9.19 -12.59 10.23
N SER A 231 -8.04 -13.09 10.67
CA SER A 231 -7.87 -13.49 12.06
C SER A 231 -7.63 -12.33 13.01
N LYS A 232 -7.69 -11.09 12.51
CA LYS A 232 -7.52 -9.92 13.38
C LYS A 232 -8.36 -8.72 12.93
N ASP A 233 -9.25 -8.27 13.81
CA ASP A 233 -10.14 -7.15 13.48
C ASP A 233 -9.51 -5.92 12.83
N THR A 234 -8.45 -5.39 13.41
CA THR A 234 -7.82 -4.20 12.83
C THR A 234 -7.24 -4.44 11.42
N VAL A 235 -6.89 -5.68 11.11
CA VAL A 235 -6.36 -6.02 9.78
C VAL A 235 -7.51 -6.06 8.78
N SER A 236 -8.64 -6.66 9.17
CA SER A 236 -9.79 -6.71 8.28
C SER A 236 -10.20 -5.26 7.97
N GLN A 237 -10.20 -4.42 9.01
CA GLN A 237 -10.54 -3.02 8.82
C GLN A 237 -9.58 -2.27 7.89
N ARG A 238 -8.28 -2.36 8.16
CA ARG A 238 -7.29 -1.66 7.34
C ARG A 238 -7.23 -2.17 5.90
N LEU A 239 -7.28 -3.48 5.70
CA LEU A 239 -7.25 -4.04 4.36
C LEU A 239 -8.50 -3.65 3.58
N CYS A 240 -9.64 -3.62 4.26
CA CYS A 240 -10.88 -3.25 3.59
C CYS A 240 -10.83 -1.79 3.13
N GLU A 241 -10.27 -0.93 3.97
CA GLU A 241 -10.13 0.49 3.64
C GLU A 241 -9.21 0.64 2.45
N LEU A 242 -8.04 0.03 2.53
CA LEU A 242 -7.08 0.13 1.46
C LEU A 242 -7.62 -0.37 0.13
N LEU A 243 -8.15 -1.58 0.11
CA LEU A 243 -8.61 -2.13 -1.16
C LEU A 243 -9.77 -1.36 -1.77
N SER A 244 -10.68 -0.89 -0.91
CA SER A 244 -11.83 -0.14 -1.38
C SER A 244 -11.46 1.14 -2.09
N GLU A 245 -10.35 1.76 -1.70
CA GLU A 245 -9.95 3.00 -2.35
C GLU A 245 -9.40 2.76 -3.76
N GLN A 246 -9.07 1.51 -4.07
CA GLN A 246 -8.50 1.19 -5.37
C GLN A 246 -9.49 0.97 -6.49
N PHE A 247 -10.78 0.82 -6.15
CA PHE A 247 -11.78 0.55 -7.17
C PHE A 247 -12.86 1.60 -7.41
N SER B 2 -26.70 -24.86 -1.51
CA SER B 2 -26.54 -24.27 -2.87
C SER B 2 -25.49 -23.15 -2.86
N ASP B 3 -25.83 -22.04 -2.22
CA ASP B 3 -24.92 -20.90 -2.14
C ASP B 3 -23.99 -21.15 -0.95
N PRO B 4 -22.76 -21.61 -1.22
CA PRO B 4 -21.78 -21.89 -0.17
C PRO B 4 -21.39 -20.67 0.64
N TRP B 5 -21.82 -19.49 0.18
CA TRP B 5 -21.45 -18.25 0.85
C TRP B 5 -22.18 -17.95 2.13
N LYS B 6 -23.13 -18.79 2.53
CA LYS B 6 -23.83 -18.56 3.78
C LYS B 6 -24.68 -19.76 4.20
#